data_2XP0
#
_entry.id   2XP0
#
_cell.length_a   163.010
_cell.length_b   52.030
_cell.length_c   82.520
_cell.angle_alpha   90.00
_cell.angle_beta   105.73
_cell.angle_gamma   90.00
#
_symmetry.space_group_name_H-M   'C 1 2 1'
#
loop_
_entity.id
_entity.type
_entity.pdbx_description
1 polymer 'E3 UBIQUITIN-PROTEIN LIGASE CHFR'
2 non-polymer 'ZINC ION'
3 water water
#
_entity_poly.entity_id   1
_entity_poly.type   'polypeptide(L)'
_entity_poly.pdbx_seq_one_letter_code
;GAMVRRSFSDEEGSSEDLLELSDVDSESSDISQPYVVCRQCPEYRRQAAQPPHCPAPEGEPGAPQALGDAPSTSVSLTTA
VQDYVCPLQGSHALCTCCFQPMPDRRVEREQDPRVAPQQCAVCLQPFCHLYWGCTRTGCYGCLAPFCELNLGDKCLDGVL
NNNSYESDILKNYLATRGLTWKNMLTESLVALQRGVFLLSDYRVTGDTVLCYCCGLRSFRELTYQYRQNIPASELPVAVT
SRPDCYWGRNCRTQVKAHHAMKFNHICEQTRFKN
;
_entity_poly.pdbx_strand_id   A,B
#
loop_
_chem_comp.id
_chem_comp.type
_chem_comp.name
_chem_comp.formula
ZN non-polymer 'ZINC ION' 'Zn 2'
#
# COMPACT_ATOMS: atom_id res chain seq x y z
N PRO A 34 32.66 -1.48 -7.66
CA PRO A 34 32.15 -1.13 -8.99
C PRO A 34 32.88 0.08 -9.58
N TYR A 35 33.32 -0.04 -10.83
CA TYR A 35 33.92 1.08 -11.52
C TYR A 35 32.84 2.13 -11.76
N VAL A 36 33.15 3.38 -11.42
CA VAL A 36 32.19 4.47 -11.59
C VAL A 36 32.86 5.70 -12.19
N VAL A 37 32.27 6.22 -13.26
CA VAL A 37 32.76 7.43 -13.89
C VAL A 37 31.66 8.48 -13.88
N CYS A 38 31.91 9.63 -13.25
CA CYS A 38 30.90 10.70 -13.21
C CYS A 38 31.33 11.94 -14.00
N ARG A 39 30.45 12.94 -14.07
CA ARG A 39 30.75 14.21 -14.74
C ARG A 39 32.11 14.80 -14.38
N GLN A 40 32.54 14.60 -13.14
CA GLN A 40 33.74 15.28 -12.64
C GLN A 40 34.95 14.35 -12.46
N CYS A 41 34.79 13.13 -12.94
CA CYS A 41 35.88 12.16 -12.94
C CYS A 41 36.95 12.58 -13.97
N PRO A 42 38.24 12.38 -13.62
CA PRO A 42 39.36 12.69 -14.52
C PRO A 42 39.33 11.83 -15.77
N GLU A 43 39.87 12.33 -16.87
CA GLU A 43 39.87 11.60 -18.14
C GLU A 43 40.45 10.20 -18.07
N TYR A 44 41.54 10.02 -17.33
CA TYR A 44 42.20 8.71 -17.30
C TYR A 44 41.25 7.63 -16.80
N ARG A 45 40.39 8.00 -15.84
CA ARG A 45 39.37 7.10 -15.34
C ARG A 45 38.44 6.68 -16.46
N ARG A 46 37.99 7.66 -17.23
CA ARG A 46 36.99 7.42 -18.27
C ARG A 46 37.47 6.39 -19.29
N GLN A 47 38.70 6.55 -19.77
CA GLN A 47 39.23 5.72 -20.84
C GLN A 47 39.56 4.30 -20.39
N ALA A 48 39.50 4.06 -19.08
CA ALA A 48 39.87 2.77 -18.52
C ALA A 48 38.67 1.90 -18.20
N ALA A 49 37.47 2.44 -18.37
CA ALA A 49 36.26 1.66 -18.14
C ALA A 49 36.14 0.56 -19.18
N GLN A 50 35.32 -0.45 -18.90
CA GLN A 50 35.08 -1.50 -19.89
C GLN A 50 34.33 -0.91 -21.09
N PRO A 51 34.81 -1.22 -22.31
CA PRO A 51 34.24 -0.59 -23.50
C PRO A 51 32.89 -1.17 -23.87
N PRO A 52 32.11 -0.42 -24.65
CA PRO A 52 30.78 -0.85 -25.10
C PRO A 52 30.86 -2.11 -25.96
N HIS A 53 29.75 -2.83 -26.04
CA HIS A 53 29.64 -4.02 -26.90
C HIS A 53 29.28 -3.60 -28.31
N CYS A 54 29.83 -4.29 -29.30
CA CYS A 54 29.52 -4.00 -30.69
C CYS A 54 28.85 -5.21 -31.37
N PRO A 55 27.76 -4.95 -32.12
CA PRO A 55 26.98 -5.94 -32.86
C PRO A 55 27.81 -6.80 -33.81
N ASP A 83 34.64 22.67 -11.75
CA ASP A 83 36.05 22.78 -11.40
C ASP A 83 36.56 21.55 -10.66
N TYR A 84 35.73 21.01 -9.77
CA TYR A 84 36.14 19.88 -8.95
C TYR A 84 36.48 18.63 -9.77
N VAL A 85 37.51 17.91 -9.35
CA VAL A 85 37.91 16.67 -9.99
C VAL A 85 38.07 15.56 -8.95
N CYS A 86 37.43 14.43 -9.21
CA CYS A 86 37.40 13.32 -8.25
C CYS A 86 38.79 12.73 -7.96
N PRO A 87 39.18 12.75 -6.68
CA PRO A 87 40.42 12.15 -6.15
C PRO A 87 40.32 10.63 -6.08
N LEU A 88 41.47 9.97 -5.99
CA LEU A 88 41.52 8.51 -5.94
C LEU A 88 40.78 7.94 -4.74
N GLN A 89 40.96 8.58 -3.58
CA GLN A 89 40.40 8.08 -2.32
C GLN A 89 38.99 8.59 -2.05
N GLY A 90 38.45 9.38 -2.98
CA GLY A 90 37.09 9.89 -2.86
C GLY A 90 36.08 8.83 -3.29
N SER A 91 34.81 9.10 -3.03
CA SER A 91 33.75 8.16 -3.38
C SER A 91 32.61 8.84 -4.13
N HIS A 92 31.64 8.04 -4.60
CA HIS A 92 30.49 8.57 -5.33
C HIS A 92 29.20 8.17 -4.65
N ALA A 93 28.17 9.00 -4.79
CA ALA A 93 26.84 8.62 -4.37
C ALA A 93 25.93 8.77 -5.57
N LEU A 94 24.87 7.97 -5.64
CA LEU A 94 23.92 8.10 -6.73
C LEU A 94 22.80 9.06 -6.36
N CYS A 95 22.51 9.99 -7.25
CA CYS A 95 21.35 10.87 -7.06
C CYS A 95 20.09 10.03 -7.00
N THR A 96 19.33 10.22 -5.92
CA THR A 96 18.07 9.51 -5.72
C THR A 96 17.04 9.79 -6.83
N CYS A 97 17.18 10.94 -7.49
CA CYS A 97 16.26 11.34 -8.56
C CYS A 97 16.64 10.79 -9.94
N CYS A 98 17.87 11.05 -10.38
CA CYS A 98 18.23 10.70 -11.75
C CYS A 98 19.12 9.44 -11.83
N PHE A 99 19.51 8.91 -10.68
CA PHE A 99 20.33 7.69 -10.60
C PHE A 99 21.76 7.84 -11.11
N GLN A 100 22.17 9.07 -11.40
CA GLN A 100 23.52 9.31 -11.90
C GLN A 100 24.47 9.56 -10.74
N PRO A 101 25.71 9.08 -10.84
CA PRO A 101 26.72 9.27 -9.81
C PRO A 101 27.21 10.71 -9.74
N MET A 102 27.46 11.16 -8.52
CA MET A 102 28.14 12.43 -8.28
C MET A 102 29.16 12.15 -7.19
N PRO A 103 30.21 12.98 -7.10
CA PRO A 103 31.17 12.75 -6.03
C PRO A 103 30.49 12.95 -4.68
N ASP A 104 30.74 12.06 -3.72
CA ASP A 104 30.12 12.18 -2.42
C ASP A 104 30.94 13.08 -1.51
N ARG A 105 30.52 14.34 -1.39
CA ARG A 105 31.28 15.34 -0.64
C ARG A 105 30.58 15.83 0.62
N ARG A 106 29.65 15.02 1.15
CA ARG A 106 28.89 15.42 2.32
C ARG A 106 29.74 15.57 3.56
N VAL A 107 30.67 14.63 3.79
CA VAL A 107 31.53 14.71 4.96
C VAL A 107 32.36 15.99 4.91
N GLU A 108 32.94 16.27 3.75
CA GLU A 108 33.65 17.52 3.52
C GLU A 108 32.79 18.73 3.88
N ARG A 109 31.56 18.75 3.38
CA ARG A 109 30.67 19.89 3.59
C ARG A 109 30.41 20.16 5.07
N GLU A 110 30.43 19.10 5.87
CA GLU A 110 30.19 19.21 7.31
C GLU A 110 31.13 20.22 7.99
N GLN A 111 32.32 20.39 7.44
CA GLN A 111 33.26 21.35 8.00
C GLN A 111 33.70 22.37 6.94
N ASP A 112 32.91 22.45 5.87
CA ASP A 112 33.11 23.47 4.83
C ASP A 112 31.77 23.75 4.16
N PRO A 113 31.03 24.73 4.69
CA PRO A 113 29.70 25.09 4.19
C PRO A 113 29.73 25.61 2.75
N ARG A 114 30.93 25.78 2.21
CA ARG A 114 31.07 26.29 0.85
C ARG A 114 30.66 25.24 -0.20
N VAL A 115 30.71 23.98 0.19
CA VAL A 115 30.28 22.88 -0.67
C VAL A 115 28.75 22.90 -0.75
N ALA A 116 28.19 22.81 -1.96
CA ALA A 116 26.74 22.79 -2.12
C ALA A 116 26.12 21.57 -1.44
N PRO A 117 24.93 21.74 -0.87
CA PRO A 117 24.18 20.61 -0.31
C PRO A 117 24.01 19.49 -1.33
N GLN A 118 24.17 18.24 -0.89
CA GLN A 118 23.98 17.10 -1.77
C GLN A 118 22.94 16.12 -1.24
N GLN A 119 22.15 16.57 -0.26
CA GLN A 119 21.12 15.71 0.32
C GLN A 119 19.96 16.51 0.88
N CYS A 120 18.80 15.86 0.97
CA CYS A 120 17.60 16.42 1.59
C CYS A 120 17.75 16.41 3.10
N ALA A 121 17.54 17.57 3.73
CA ALA A 121 17.72 17.67 5.18
C ALA A 121 16.63 16.93 5.97
N VAL A 122 15.58 16.51 5.26
CA VAL A 122 14.47 15.80 5.90
C VAL A 122 14.66 14.27 5.82
N CYS A 123 14.86 13.74 4.61
CA CYS A 123 14.95 12.28 4.47
C CYS A 123 16.39 11.81 4.37
N LEU A 124 17.31 12.77 4.24
CA LEU A 124 18.74 12.51 4.24
C LEU A 124 19.25 11.71 3.03
N GLN A 125 18.39 11.53 2.03
CA GLN A 125 18.81 10.87 0.79
C GLN A 125 19.56 11.86 -0.12
N PRO A 126 20.49 11.34 -0.95
CA PRO A 126 21.29 12.22 -1.81
C PRO A 126 20.56 12.68 -3.08
N PHE A 127 20.75 13.94 -3.46
CA PHE A 127 20.22 14.45 -4.73
C PHE A 127 21.25 15.38 -5.32
N CYS A 128 21.35 15.43 -6.65
CA CYS A 128 22.46 16.14 -7.29
C CYS A 128 22.15 17.58 -7.73
N HIS A 129 20.90 18.02 -7.58
CA HIS A 129 20.51 19.26 -8.26
C HIS A 129 21.27 20.53 -7.86
N LEU A 130 21.37 20.79 -6.56
CA LEU A 130 22.05 22.00 -6.12
C LEU A 130 23.54 21.90 -6.41
N TYR A 131 24.07 20.67 -6.38
CA TYR A 131 25.49 20.48 -6.62
C TYR A 131 25.89 20.80 -8.07
N TRP A 132 25.17 20.28 -9.04
CA TRP A 132 25.55 20.54 -10.44
C TRP A 132 24.43 20.54 -11.48
N GLY A 133 23.18 20.50 -11.02
CA GLY A 133 22.05 20.55 -11.94
C GLY A 133 21.65 19.16 -12.37
N CYS A 134 20.45 18.75 -12.00
CA CYS A 134 19.94 17.43 -12.32
C CYS A 134 19.04 17.54 -13.55
N THR A 135 19.08 16.56 -14.43
CA THR A 135 18.17 16.54 -15.59
C THR A 135 17.47 15.20 -15.75
N ARG A 136 16.13 15.23 -15.77
CA ARG A 136 15.34 14.04 -16.03
C ARG A 136 13.91 14.48 -16.28
N THR A 137 13.26 13.82 -17.23
CA THR A 137 11.84 14.05 -17.45
C THR A 137 11.10 13.65 -16.19
N GLY A 138 10.35 14.59 -15.63
CA GLY A 138 9.69 14.36 -14.37
C GLY A 138 10.43 15.06 -13.25
N CYS A 139 11.68 15.42 -13.49
CA CYS A 139 12.44 16.22 -12.53
C CYS A 139 12.24 17.71 -12.78
N TYR A 140 11.70 18.38 -11.76
CA TYR A 140 11.41 19.80 -11.81
C TYR A 140 12.56 20.64 -11.28
N GLY A 141 13.57 19.98 -10.71
CA GLY A 141 14.55 20.62 -9.84
C GLY A 141 14.42 20.01 -8.45
N CYS A 142 15.09 18.87 -8.25
CA CYS A 142 14.77 17.95 -7.16
C CYS A 142 15.29 18.30 -5.76
N LEU A 143 16.07 19.37 -5.65
CA LEU A 143 16.57 19.80 -4.34
C LEU A 143 16.61 21.32 -4.27
N ALA A 144 16.03 21.89 -3.23
CA ALA A 144 15.94 23.34 -3.12
C ALA A 144 15.46 23.74 -1.73
N PRO A 145 15.78 24.97 -1.31
CA PRO A 145 15.04 25.52 -0.17
C PRO A 145 13.54 25.41 -0.45
N PHE A 146 12.79 25.01 0.56
CA PHE A 146 11.37 24.74 0.46
C PHE A 146 10.60 25.89 -0.20
N CYS A 147 10.87 27.12 0.21
CA CYS A 147 10.16 28.28 -0.33
C CYS A 147 10.41 28.48 -1.84
N GLU A 148 11.45 27.84 -2.36
CA GLU A 148 11.80 27.98 -3.78
C GLU A 148 11.67 26.68 -4.58
N LEU A 149 11.25 25.61 -3.91
CA LEU A 149 11.13 24.30 -4.55
C LEU A 149 10.08 24.27 -5.68
N ASN A 150 10.45 23.69 -6.81
CA ASN A 150 9.51 23.56 -7.93
C ASN A 150 8.64 22.31 -7.77
N LEU A 151 7.36 22.51 -7.49
CA LEU A 151 6.47 21.39 -7.24
C LEU A 151 5.78 20.89 -8.51
N GLY A 152 5.97 21.60 -9.62
CA GLY A 152 5.36 21.20 -10.88
C GLY A 152 3.99 21.82 -11.11
N ASP A 153 3.57 21.86 -12.36
CA ASP A 153 2.30 22.51 -12.72
C ASP A 153 1.08 21.75 -12.22
N LYS A 154 1.26 20.47 -11.93
CA LYS A 154 0.13 19.63 -11.52
C LYS A 154 0.08 19.39 -10.03
N CYS A 155 0.80 20.20 -9.26
CA CYS A 155 0.87 19.94 -7.83
C CYS A 155 -0.46 20.15 -7.10
N LEU A 156 -1.42 20.81 -7.75
CA LEU A 156 -2.73 21.01 -7.11
C LEU A 156 -3.63 19.78 -7.36
N ASP A 157 -3.25 18.94 -8.31
CA ASP A 157 -4.03 17.74 -8.61
C ASP A 157 -3.99 16.76 -7.44
N GLY A 158 -5.16 16.44 -6.90
CA GLY A 158 -5.21 15.55 -5.75
C GLY A 158 -4.50 16.07 -4.50
N VAL A 159 -4.20 17.36 -4.46
CA VAL A 159 -3.46 17.93 -3.32
C VAL A 159 -4.21 17.78 -1.99
N LEU A 160 -5.54 17.79 -2.04
CA LEU A 160 -6.31 17.60 -0.83
C LEU A 160 -6.76 16.15 -0.72
N ASN A 161 -6.19 15.40 0.24
CA ASN A 161 -6.61 14.02 0.49
C ASN A 161 -6.49 13.08 -0.71
N ASN A 162 -5.64 13.40 -1.68
CA ASN A 162 -5.67 12.64 -2.94
C ASN A 162 -7.09 12.52 -3.50
N ASN A 163 -7.87 13.58 -3.34
CA ASN A 163 -9.30 13.59 -3.66
C ASN A 163 -9.50 14.64 -4.74
N SER A 164 -9.79 14.20 -5.96
CA SER A 164 -9.83 15.16 -7.08
C SER A 164 -10.95 16.17 -6.93
N TYR A 165 -12.04 15.77 -6.29
CA TYR A 165 -13.20 16.64 -6.15
C TYR A 165 -12.88 17.76 -5.17
N GLU A 166 -12.29 17.40 -4.04
CA GLU A 166 -11.91 18.39 -3.04
C GLU A 166 -10.85 19.29 -3.62
N SER A 167 -9.92 18.68 -4.36
CA SER A 167 -8.81 19.43 -4.95
C SER A 167 -9.31 20.41 -6.02
N ASP A 168 -10.29 20.00 -6.81
CA ASP A 168 -10.86 20.88 -7.83
C ASP A 168 -11.55 22.09 -7.19
N ILE A 169 -12.15 21.89 -6.02
CA ILE A 169 -12.78 23.01 -5.33
C ILE A 169 -11.70 24.06 -5.00
N LEU A 170 -10.57 23.63 -4.47
CA LEU A 170 -9.50 24.57 -4.16
C LEU A 170 -8.96 25.24 -5.42
N LYS A 171 -8.76 24.47 -6.48
CA LYS A 171 -8.30 25.03 -7.75
C LYS A 171 -9.24 26.14 -8.21
N ASN A 172 -10.53 25.91 -8.08
CA ASN A 172 -11.52 26.90 -8.52
C ASN A 172 -11.46 28.15 -7.67
N TYR A 173 -11.32 27.95 -6.36
CA TYR A 173 -11.23 29.08 -5.44
C TYR A 173 -10.02 29.94 -5.81
N LEU A 174 -8.88 29.30 -6.09
CA LEU A 174 -7.68 30.05 -6.39
C LEU A 174 -7.78 30.73 -7.75
N ALA A 175 -8.32 30.02 -8.74
CA ALA A 175 -8.40 30.56 -10.08
C ALA A 175 -9.37 31.74 -10.10
N THR A 176 -10.45 31.64 -9.34
CA THR A 176 -11.43 32.73 -9.25
C THR A 176 -10.74 34.02 -8.79
N ARG A 177 -9.76 33.89 -7.92
CA ARG A 177 -9.10 35.06 -7.36
C ARG A 177 -7.78 35.38 -8.03
N GLY A 178 -7.46 34.65 -9.10
CA GLY A 178 -6.21 34.86 -9.80
C GLY A 178 -4.99 34.50 -8.99
N LEU A 179 -5.15 33.57 -8.06
CA LEU A 179 -4.03 33.08 -7.24
C LEU A 179 -3.43 31.80 -7.81
N THR A 180 -2.13 31.62 -7.61
CA THR A 180 -1.43 30.40 -8.02
C THR A 180 -1.05 29.57 -6.79
N TRP A 181 -0.62 28.34 -7.02
CA TRP A 181 -0.15 27.51 -5.92
C TRP A 181 1.01 28.16 -5.18
N LYS A 182 1.83 28.91 -5.92
CA LYS A 182 2.93 29.63 -5.32
C LYS A 182 2.45 30.68 -4.33
N ASN A 183 1.41 31.43 -4.70
CA ASN A 183 0.85 32.43 -3.79
C ASN A 183 0.35 31.76 -2.53
N MET A 184 -0.30 30.61 -2.69
CA MET A 184 -0.85 29.87 -1.55
C MET A 184 0.25 29.36 -0.63
N LEU A 185 1.33 28.87 -1.22
CA LEU A 185 2.46 28.40 -0.42
C LEU A 185 3.10 29.54 0.37
N THR A 186 3.29 30.68 -0.29
CA THR A 186 3.88 31.83 0.38
C THR A 186 3.08 32.23 1.62
N GLU A 187 1.76 32.29 1.45
CA GLU A 187 0.87 32.64 2.55
C GLU A 187 0.91 31.57 3.65
N SER A 188 0.94 30.31 3.23
CA SER A 188 0.98 29.19 4.16
C SER A 188 2.29 29.18 4.98
N LEU A 189 3.39 29.57 4.35
CA LEU A 189 4.70 29.55 5.00
C LEU A 189 4.81 30.69 6.01
N VAL A 190 4.06 31.76 5.77
CA VAL A 190 3.98 32.84 6.76
C VAL A 190 3.30 32.32 8.03
N ALA A 191 2.20 31.60 7.83
CA ALA A 191 1.45 31.01 8.93
C ALA A 191 2.29 29.95 9.65
N LEU A 192 3.03 29.16 8.89
CA LEU A 192 3.92 28.17 9.47
C LEU A 192 4.92 28.85 10.41
N GLN A 193 5.50 29.95 9.96
CA GLN A 193 6.51 30.64 10.74
C GLN A 193 5.92 31.21 12.03
N ARG A 194 4.67 31.65 11.99
CA ARG A 194 4.03 32.17 13.20
C ARG A 194 3.62 31.07 14.16
N GLY A 195 3.59 29.83 13.67
CA GLY A 195 3.11 28.73 14.48
C GLY A 195 1.61 28.55 14.36
N VAL A 196 1.02 29.20 13.36
CA VAL A 196 -0.42 29.08 13.13
C VAL A 196 -0.75 27.81 12.33
N PHE A 197 0.09 27.47 11.36
CA PHE A 197 0.00 26.18 10.65
C PHE A 197 1.08 25.29 11.22
N LEU A 198 0.87 23.97 11.15
CA LEU A 198 1.80 22.99 11.68
C LEU A 198 2.15 21.95 10.63
N LEU A 199 3.31 21.31 10.80
CA LEU A 199 3.78 20.24 9.91
C LEU A 199 4.11 19.01 10.72
N SER A 200 3.94 17.83 10.12
CA SER A 200 4.39 16.60 10.74
C SER A 200 5.92 16.60 10.86
N ASP A 201 6.60 17.02 9.80
CA ASP A 201 8.04 17.21 9.85
C ASP A 201 8.21 18.57 10.51
N TYR A 202 8.14 18.59 11.83
CA TYR A 202 7.82 19.82 12.54
C TYR A 202 8.95 20.84 12.53
N ARG A 203 10.13 20.41 12.13
CA ARG A 203 11.25 21.35 12.11
C ARG A 203 11.48 21.97 10.73
N VAL A 204 10.64 21.63 9.76
CA VAL A 204 10.78 22.18 8.41
C VAL A 204 10.38 23.67 8.40
N THR A 205 11.20 24.50 7.76
CA THR A 205 10.79 25.88 7.51
C THR A 205 10.90 26.16 6.01
N GLY A 206 10.44 27.34 5.59
CA GLY A 206 10.62 27.76 4.22
C GLY A 206 12.08 27.71 3.80
N ASP A 207 13.01 27.75 4.76
CA ASP A 207 14.44 27.77 4.41
C ASP A 207 15.11 26.38 4.35
N THR A 208 14.43 25.37 4.86
CA THR A 208 14.96 24.01 4.81
C THR A 208 15.26 23.57 3.39
N VAL A 209 16.45 23.02 3.18
CA VAL A 209 16.79 22.43 1.87
C VAL A 209 16.28 21.00 1.80
N LEU A 210 15.27 20.78 0.97
CA LEU A 210 14.64 19.47 0.92
C LEU A 210 14.34 19.03 -0.51
N CYS A 211 13.94 17.77 -0.66
CA CYS A 211 13.72 17.22 -1.99
C CYS A 211 12.27 17.37 -2.43
N TYR A 212 12.03 17.03 -3.69
CA TYR A 212 10.69 17.10 -4.27
C TYR A 212 9.65 16.37 -3.43
N CYS A 213 9.90 15.10 -3.12
CA CYS A 213 8.95 14.30 -2.35
C CYS A 213 8.68 14.82 -0.93
N CYS A 214 9.72 15.20 -0.20
CA CYS A 214 9.52 15.75 1.14
C CYS A 214 8.82 17.13 1.11
N GLY A 215 9.21 17.98 0.16
CA GLY A 215 8.53 19.25 0.00
C GLY A 215 7.06 19.04 -0.35
N LEU A 216 6.78 18.09 -1.22
CA LEU A 216 5.40 17.84 -1.65
C LEU A 216 4.56 17.37 -0.47
N ARG A 217 5.12 16.48 0.34
CA ARG A 217 4.44 15.97 1.52
C ARG A 217 4.06 17.12 2.46
N SER A 218 4.98 18.05 2.70
CA SER A 218 4.66 19.20 3.55
C SER A 218 3.71 20.21 2.88
N PHE A 219 3.84 20.37 1.57
CA PHE A 219 2.93 21.22 0.82
C PHE A 219 1.50 20.71 0.93
N ARG A 220 1.32 19.39 0.95
CA ARG A 220 -0.04 18.86 1.11
C ARG A 220 -0.64 19.23 2.47
N GLU A 221 0.18 19.13 3.50
CA GLU A 221 -0.27 19.49 4.84
C GLU A 221 -0.57 20.98 4.97
N LEU A 222 0.29 21.83 4.43
CA LEU A 222 0.05 23.27 4.49
C LEU A 222 -1.19 23.64 3.69
N THR A 223 -1.37 22.97 2.54
CA THR A 223 -2.48 23.27 1.67
C THR A 223 -3.80 22.89 2.33
N TYR A 224 -3.80 21.77 3.05
CA TYR A 224 -5.02 21.35 3.73
C TYR A 224 -5.41 22.43 4.73
N GLN A 225 -4.42 22.96 5.45
CA GLN A 225 -4.71 24.00 6.45
C GLN A 225 -5.18 25.30 5.80
N TYR A 226 -4.58 25.65 4.66
CA TYR A 226 -5.04 26.80 3.89
C TYR A 226 -6.51 26.63 3.50
N ARG A 227 -6.85 25.47 2.96
CA ARG A 227 -8.23 25.17 2.57
C ARG A 227 -9.19 25.29 3.75
N GLN A 228 -8.78 24.71 4.88
CA GLN A 228 -9.54 24.72 6.12
C GLN A 228 -9.91 26.13 6.56
N ASN A 229 -9.05 27.08 6.24
CA ASN A 229 -9.24 28.43 6.72
C ASN A 229 -9.99 29.35 5.78
N ILE A 230 -10.47 28.81 4.66
CA ILE A 230 -11.33 29.58 3.75
C ILE A 230 -12.73 29.64 4.32
N PRO A 231 -13.29 30.85 4.46
CA PRO A 231 -14.64 30.98 4.99
C PRO A 231 -15.66 30.31 4.07
N ALA A 232 -16.67 29.65 4.63
CA ALA A 232 -17.72 29.01 3.81
C ALA A 232 -18.42 29.98 2.83
N SER A 233 -18.55 31.24 3.23
CA SER A 233 -19.15 32.25 2.36
C SER A 233 -18.34 32.52 1.10
N GLU A 234 -17.08 32.11 1.09
CA GLU A 234 -16.23 32.33 -0.08
C GLU A 234 -16.21 31.14 -1.02
N LEU A 235 -16.95 30.09 -0.68
CA LEU A 235 -17.05 28.93 -1.56
C LEU A 235 -18.47 28.80 -2.11
N PRO A 236 -18.62 28.15 -3.27
CA PRO A 236 -19.96 27.94 -3.82
C PRO A 236 -20.85 27.23 -2.80
N VAL A 237 -22.14 27.51 -2.86
CA VAL A 237 -23.07 26.92 -1.89
C VAL A 237 -23.17 25.41 -2.11
N ALA A 238 -22.88 24.97 -3.33
CA ALA A 238 -22.89 23.53 -3.64
C ALA A 238 -21.77 22.82 -2.91
N VAL A 239 -20.72 23.57 -2.56
CA VAL A 239 -19.64 23.01 -1.76
C VAL A 239 -20.02 22.88 -0.30
N THR A 240 -20.56 23.96 0.27
CA THR A 240 -20.84 24.06 1.69
C THR A 240 -22.10 23.33 2.10
N SER A 241 -22.95 22.99 1.13
CA SER A 241 -24.17 22.24 1.43
C SER A 241 -23.92 20.77 1.76
N ARG A 242 -22.77 20.26 1.36
CA ARG A 242 -22.46 18.85 1.54
C ARG A 242 -22.17 18.53 3.01
N PRO A 243 -22.81 17.49 3.55
CA PRO A 243 -22.58 17.08 4.96
C PRO A 243 -21.17 16.56 5.15
N ASP A 244 -20.63 16.68 6.35
CA ASP A 244 -19.32 16.15 6.66
C ASP A 244 -19.38 14.64 6.63
N CYS A 245 -18.37 14.01 6.05
CA CYS A 245 -18.22 12.56 6.19
C CYS A 245 -17.80 12.22 7.61
N TYR A 246 -18.50 11.25 8.20
CA TYR A 246 -18.19 10.76 9.53
C TYR A 246 -16.71 10.45 9.75
N TRP A 247 -16.06 9.93 8.71
CA TRP A 247 -14.68 9.46 8.78
C TRP A 247 -13.64 10.55 8.52
N GLY A 248 -14.07 11.70 8.00
CA GLY A 248 -13.20 12.86 7.91
C GLY A 248 -12.12 12.74 6.83
N ARG A 249 -11.04 13.50 7.00
CA ARG A 249 -10.02 13.67 5.98
C ARG A 249 -9.33 12.36 5.57
N ASN A 250 -9.33 11.39 6.47
CA ASN A 250 -8.68 10.12 6.20
C ASN A 250 -9.58 9.03 5.64
N CYS A 251 -10.84 9.38 5.41
CA CYS A 251 -11.79 8.46 4.81
C CYS A 251 -11.19 7.69 3.62
N ARG A 252 -11.34 6.37 3.62
CA ARG A 252 -10.82 5.56 2.52
C ARG A 252 -11.76 5.53 1.31
N THR A 253 -13.00 5.98 1.49
CA THR A 253 -14.01 5.88 0.44
C THR A 253 -13.96 7.06 -0.52
N GLN A 254 -13.24 8.11 -0.14
CA GLN A 254 -13.25 9.31 -0.93
C GLN A 254 -12.49 9.15 -2.25
N VAL A 255 -11.84 8.01 -2.47
CA VAL A 255 -11.27 7.78 -3.79
C VAL A 255 -12.36 7.43 -4.79
N LYS A 256 -13.58 7.17 -4.32
CA LYS A 256 -14.69 6.90 -5.23
C LYS A 256 -15.43 8.19 -5.50
N ALA A 257 -15.67 8.47 -6.78
CA ALA A 257 -16.16 9.78 -7.21
C ALA A 257 -17.47 10.17 -6.56
N HIS A 258 -18.39 9.20 -6.47
CA HIS A 258 -19.71 9.48 -5.93
C HIS A 258 -19.64 9.89 -4.48
N HIS A 259 -18.90 9.13 -3.68
CA HIS A 259 -18.73 9.44 -2.27
C HIS A 259 -18.06 10.81 -2.08
N ALA A 260 -17.02 11.08 -2.87
CA ALA A 260 -16.29 12.34 -2.81
C ALA A 260 -17.18 13.54 -3.09
N MET A 261 -18.07 13.39 -4.07
CA MET A 261 -18.97 14.48 -4.42
C MET A 261 -20.04 14.66 -3.35
N LYS A 262 -20.49 13.56 -2.75
CA LYS A 262 -21.61 13.60 -1.80
C LYS A 262 -21.28 14.26 -0.46
N PHE A 263 -20.07 14.00 0.07
CA PHE A 263 -19.72 14.42 1.43
C PHE A 263 -18.52 15.34 1.44
N ASN A 264 -18.50 16.29 2.37
CA ASN A 264 -17.30 17.11 2.60
C ASN A 264 -16.25 16.28 3.34
N HIS A 265 -15.01 16.27 2.83
CA HIS A 265 -13.92 15.57 3.51
C HIS A 265 -12.86 16.53 4.08
N ILE A 266 -13.22 17.81 4.10
CA ILE A 266 -12.41 18.78 4.83
C ILE A 266 -12.96 18.88 6.24
N CYS A 267 -12.64 17.87 7.05
CA CYS A 267 -13.11 17.80 8.42
C CYS A 267 -12.35 16.67 9.10
N GLU A 268 -12.49 16.56 10.42
CA GLU A 268 -11.83 15.49 11.17
C GLU A 268 -12.79 14.33 11.44
N GLN A 269 -12.20 13.17 11.70
CA GLN A 269 -12.91 11.98 12.19
C GLN A 269 -13.93 12.35 13.28
N THR A 270 -15.18 11.88 13.14
CA THR A 270 -16.15 12.06 14.20
C THR A 270 -15.84 11.10 15.37
N ARG A 271 -15.76 11.63 16.58
CA ARG A 271 -15.53 10.74 17.71
C ARG A 271 -16.79 10.59 18.55
N PHE A 272 -16.97 11.43 19.58
CA PHE A 272 -18.17 11.30 20.41
C PHE A 272 -19.36 12.09 19.86
N TYR B 35 8.24 -38.65 -16.01
CA TYR B 35 9.55 -38.58 -15.36
C TYR B 35 9.94 -37.14 -15.00
N VAL B 36 9.96 -36.83 -13.70
CA VAL B 36 10.21 -35.45 -13.26
C VAL B 36 11.42 -35.30 -12.37
N VAL B 37 12.03 -34.12 -12.43
CA VAL B 37 13.18 -33.77 -11.62
C VAL B 37 12.83 -32.49 -10.86
N CYS B 38 12.97 -32.51 -9.53
CA CYS B 38 12.62 -31.33 -8.75
C CYS B 38 13.86 -30.70 -8.15
N ARG B 39 13.69 -29.58 -7.43
CA ARG B 39 14.83 -28.87 -6.86
C ARG B 39 15.69 -29.75 -5.94
N GLN B 40 15.11 -30.82 -5.38
CA GLN B 40 15.83 -31.67 -4.42
C GLN B 40 16.29 -33.03 -4.94
N CYS B 41 16.02 -33.31 -6.21
CA CYS B 41 16.50 -34.55 -6.81
C CYS B 41 18.03 -34.58 -6.83
N PRO B 42 18.60 -35.79 -6.73
CA PRO B 42 20.07 -35.89 -6.82
C PRO B 42 20.55 -35.65 -8.26
N GLU B 43 21.83 -35.34 -8.41
CA GLU B 43 22.42 -35.13 -9.73
C GLU B 43 22.26 -36.30 -10.67
N TYR B 44 22.40 -37.53 -10.16
CA TYR B 44 22.31 -38.71 -11.03
C TYR B 44 20.93 -38.79 -11.66
N ARG B 45 19.92 -38.31 -10.94
CA ARG B 45 18.57 -38.29 -11.48
C ARG B 45 18.40 -37.14 -12.46
N ARG B 46 18.86 -35.95 -12.07
CA ARG B 46 18.76 -34.79 -12.94
C ARG B 46 19.44 -35.01 -14.30
N GLN B 47 20.64 -35.60 -14.28
CA GLN B 47 21.43 -35.80 -15.51
C GLN B 47 20.85 -36.88 -16.42
N ALA B 48 19.92 -37.68 -15.90
CA ALA B 48 19.35 -38.78 -16.66
C ALA B 48 18.07 -38.38 -17.42
N ALA B 49 17.58 -37.18 -17.20
CA ALA B 49 16.40 -36.68 -17.90
C ALA B 49 16.61 -36.59 -19.40
N GLN B 50 15.50 -36.52 -20.14
CA GLN B 50 15.54 -36.32 -21.58
C GLN B 50 16.00 -34.92 -21.92
N PRO B 51 16.87 -34.80 -22.93
CA PRO B 51 17.37 -33.49 -23.39
C PRO B 51 16.23 -32.63 -23.90
N PRO B 52 16.31 -31.31 -23.72
CA PRO B 52 15.35 -30.38 -24.30
C PRO B 52 15.60 -30.17 -25.80
N HIS B 53 14.68 -29.48 -26.46
CA HIS B 53 14.88 -29.16 -27.87
C HIS B 53 15.76 -27.94 -28.00
N CYS B 54 16.74 -28.01 -28.88
CA CYS B 54 17.56 -26.84 -29.16
C CYS B 54 17.12 -26.17 -30.46
N PRO B 55 16.97 -24.85 -30.43
CA PRO B 55 16.58 -24.04 -31.59
C PRO B 55 17.38 -24.41 -32.82
N ASP B 83 17.37 -29.49 3.07
CA ASP B 83 18.64 -30.19 2.87
C ASP B 83 18.38 -31.61 2.38
N TYR B 84 17.11 -31.92 2.16
CA TYR B 84 16.65 -33.22 1.70
C TYR B 84 17.12 -33.51 0.28
N VAL B 85 17.35 -34.79 -0.02
CA VAL B 85 17.64 -35.25 -1.38
C VAL B 85 16.70 -36.40 -1.72
N CYS B 86 16.01 -36.32 -2.86
CA CYS B 86 15.07 -37.39 -3.23
C CYS B 86 15.75 -38.75 -3.33
N PRO B 87 15.22 -39.74 -2.60
CA PRO B 87 15.76 -41.10 -2.74
C PRO B 87 15.19 -41.77 -3.98
N LEU B 88 15.81 -42.85 -4.43
CA LEU B 88 15.35 -43.60 -5.59
C LEU B 88 13.88 -43.99 -5.50
N GLN B 89 13.43 -44.37 -4.31
CA GLN B 89 12.05 -44.79 -4.14
C GLN B 89 11.10 -43.60 -3.97
N GLY B 90 11.66 -42.40 -4.04
CA GLY B 90 10.86 -41.20 -3.86
C GLY B 90 9.85 -40.96 -4.98
N SER B 91 8.76 -40.26 -4.67
CA SER B 91 7.83 -39.83 -5.71
C SER B 91 7.69 -38.32 -5.65
N HIS B 92 7.03 -37.75 -6.65
CA HIS B 92 6.84 -36.31 -6.68
C HIS B 92 5.37 -35.97 -6.86
N ALA B 93 5.01 -34.76 -6.41
CA ALA B 93 3.68 -34.21 -6.66
C ALA B 93 3.86 -32.80 -7.23
N LEU B 94 2.94 -32.37 -8.08
CA LEU B 94 2.99 -31.01 -8.62
C LEU B 94 2.27 -30.02 -7.72
N CYS B 95 2.92 -28.89 -7.43
CA CYS B 95 2.28 -27.78 -6.74
C CYS B 95 1.07 -27.30 -7.54
N THR B 96 -0.07 -27.17 -6.88
CA THR B 96 -1.29 -26.76 -7.56
C THR B 96 -1.18 -25.34 -8.10
N CYS B 97 -0.35 -24.54 -7.43
CA CYS B 97 -0.17 -23.13 -7.75
C CYS B 97 0.90 -22.88 -8.85
N CYS B 98 2.13 -23.33 -8.61
CA CYS B 98 3.21 -23.05 -9.56
C CYS B 98 3.46 -24.15 -10.58
N PHE B 99 2.81 -25.30 -10.37
CA PHE B 99 2.92 -26.44 -11.28
C PHE B 99 4.26 -27.16 -11.23
N GLN B 100 5.15 -26.74 -10.33
CA GLN B 100 6.47 -27.37 -10.26
C GLN B 100 6.51 -28.54 -9.26
N PRO B 101 7.25 -29.61 -9.62
CA PRO B 101 7.29 -30.84 -8.80
C PRO B 101 7.96 -30.59 -7.46
N MET B 102 7.53 -31.33 -6.45
CA MET B 102 8.19 -31.37 -5.16
C MET B 102 8.15 -32.83 -4.72
N PRO B 103 9.07 -33.23 -3.85
CA PRO B 103 9.00 -34.62 -3.36
C PRO B 103 7.69 -34.81 -2.60
N ASP B 104 7.03 -35.94 -2.79
CA ASP B 104 5.76 -36.17 -2.14
C ASP B 104 6.00 -36.88 -0.82
N ARG B 105 6.05 -36.11 0.26
CA ARG B 105 6.43 -36.67 1.54
C ARG B 105 5.28 -36.69 2.51
N ARG B 106 4.07 -36.67 1.98
CA ARG B 106 2.88 -36.64 2.80
C ARG B 106 2.73 -37.94 3.61
N VAL B 107 2.92 -39.08 2.98
CA VAL B 107 2.82 -40.35 3.71
C VAL B 107 3.89 -40.39 4.80
N GLU B 108 5.10 -39.97 4.46
CA GLU B 108 6.17 -39.85 5.45
C GLU B 108 5.77 -38.92 6.60
N ARG B 109 5.04 -37.86 6.29
CA ARG B 109 4.65 -36.87 7.30
C ARG B 109 3.72 -37.44 8.37
N GLU B 110 2.79 -38.31 7.96
CA GLU B 110 1.92 -38.98 8.91
C GLU B 110 2.70 -39.57 10.08
N GLN B 111 3.88 -40.12 9.79
CA GLN B 111 4.73 -40.71 10.82
C GLN B 111 5.78 -39.74 11.36
N ASP B 112 5.85 -38.54 10.78
CA ASP B 112 6.85 -37.56 11.21
C ASP B 112 6.36 -36.15 10.98
N PRO B 113 5.70 -35.58 12.01
CA PRO B 113 5.16 -34.22 11.97
C PRO B 113 6.22 -33.16 11.72
N ARG B 114 7.50 -33.53 11.83
CA ARG B 114 8.56 -32.59 11.52
C ARG B 114 8.55 -32.19 10.04
N VAL B 115 8.06 -33.08 9.20
CA VAL B 115 7.98 -32.81 7.76
C VAL B 115 6.92 -31.72 7.51
N ALA B 116 7.26 -30.74 6.67
CA ALA B 116 6.34 -29.62 6.42
C ALA B 116 5.09 -30.05 5.68
N PRO B 117 3.94 -29.42 5.98
CA PRO B 117 2.68 -29.70 5.28
C PRO B 117 2.81 -29.44 3.78
N GLN B 118 2.21 -30.28 2.95
CA GLN B 118 2.27 -30.09 1.50
C GLN B 118 0.90 -30.09 0.83
N GLN B 119 -0.18 -29.95 1.61
CA GLN B 119 -1.50 -29.87 1.02
C GLN B 119 -2.44 -29.07 1.92
N CYS B 120 -3.50 -28.54 1.33
CA CYS B 120 -4.56 -27.91 2.10
C CYS B 120 -5.35 -28.94 2.90
N ALA B 121 -5.57 -28.68 4.18
CA ALA B 121 -6.25 -29.64 5.07
C ALA B 121 -7.70 -29.85 4.63
N VAL B 122 -8.28 -28.84 4.00
CA VAL B 122 -9.68 -28.87 3.60
C VAL B 122 -9.86 -29.46 2.21
N CYS B 123 -9.25 -28.85 1.21
CA CYS B 123 -9.51 -29.31 -0.15
C CYS B 123 -8.54 -30.42 -0.58
N LEU B 124 -7.48 -30.61 0.19
CA LEU B 124 -6.50 -31.67 -0.05
C LEU B 124 -5.62 -31.48 -1.29
N GLN B 125 -5.67 -30.33 -1.94
CA GLN B 125 -4.80 -30.07 -3.08
CA GLN B 125 -4.80 -30.09 -3.08
C GLN B 125 -3.38 -29.77 -2.60
N PRO B 126 -2.36 -30.26 -3.34
CA PRO B 126 -0.95 -30.08 -2.96
C PRO B 126 -0.44 -28.68 -3.26
N PHE B 127 0.36 -28.12 -2.36
CA PHE B 127 0.98 -26.82 -2.58
C PHE B 127 2.37 -26.86 -1.98
N CYS B 128 3.33 -26.14 -2.58
CA CYS B 128 4.75 -26.29 -2.24
C CYS B 128 5.25 -25.23 -1.26
N HIS B 129 4.43 -24.21 -1.00
CA HIS B 129 4.93 -23.07 -0.26
C HIS B 129 5.53 -23.32 1.13
N LEU B 130 4.84 -24.07 1.98
CA LEU B 130 5.38 -24.31 3.33
C LEU B 130 6.61 -25.19 3.25
N TYR B 131 6.63 -26.08 2.25
CA TYR B 131 7.73 -27.01 2.12
C TYR B 131 9.03 -26.31 1.78
N TRP B 132 9.01 -25.42 0.79
CA TRP B 132 10.27 -24.80 0.36
C TRP B 132 10.14 -23.44 -0.31
N GLY B 133 8.98 -22.80 -0.19
CA GLY B 133 8.79 -21.48 -0.74
C GLY B 133 8.43 -21.52 -2.22
N CYS B 134 7.21 -21.10 -2.53
CA CYS B 134 6.70 -21.05 -3.89
C CYS B 134 6.96 -19.68 -4.51
N THR B 135 7.19 -19.66 -5.81
CA THR B 135 7.36 -18.40 -6.56
C THR B 135 6.48 -18.36 -7.80
N ARG B 136 5.58 -17.39 -7.86
CA ARG B 136 4.76 -17.20 -9.04
C ARG B 136 4.10 -15.84 -8.93
N THR B 137 4.07 -15.09 -10.02
CA THR B 137 3.36 -13.82 -10.02
C THR B 137 1.88 -14.12 -9.85
N GLY B 138 1.33 -13.70 -8.71
CA GLY B 138 -0.07 -13.98 -8.41
C GLY B 138 -0.18 -14.91 -7.23
N CYS B 139 0.93 -15.56 -6.88
CA CYS B 139 1.00 -16.34 -5.66
C CYS B 139 1.41 -15.45 -4.49
N TYR B 140 0.53 -15.35 -3.49
CA TYR B 140 0.82 -14.59 -2.28
C TYR B 140 1.56 -15.42 -1.24
N GLY B 141 1.73 -16.71 -1.52
CA GLY B 141 2.14 -17.68 -0.52
C GLY B 141 0.98 -18.65 -0.37
N CYS B 142 1.01 -19.72 -1.17
CA CYS B 142 -0.20 -20.47 -1.49
C CYS B 142 -0.63 -21.51 -0.44
N LEU B 143 0.11 -21.61 0.65
CA LEU B 143 -0.29 -22.49 1.75
C LEU B 143 0.27 -21.92 3.04
N ALA B 144 -0.55 -21.93 4.09
CA ALA B 144 -0.14 -21.39 5.38
C ALA B 144 -1.13 -21.79 6.45
N PRO B 145 -0.65 -21.89 7.71
CA PRO B 145 -1.60 -21.91 8.83
C PRO B 145 -2.52 -20.70 8.67
N PHE B 146 -3.81 -20.89 8.93
CA PHE B 146 -4.84 -19.87 8.64
C PHE B 146 -4.45 -18.50 9.21
N CYS B 147 -3.98 -18.46 10.46
CA CYS B 147 -3.64 -17.18 11.09
C CYS B 147 -2.53 -16.40 10.36
N GLU B 148 -1.74 -17.10 9.55
CA GLU B 148 -0.61 -16.49 8.83
CA GLU B 148 -0.62 -16.47 8.83
C GLU B 148 -0.84 -16.39 7.33
N LEU B 149 -1.97 -16.91 6.86
CA LEU B 149 -2.26 -16.94 5.43
C LEU B 149 -2.34 -15.52 4.82
N ASN B 150 -1.70 -15.33 3.66
CA ASN B 150 -1.76 -14.04 2.96
C ASN B 150 -2.91 -14.00 1.99
N LEU B 151 -3.81 -13.02 2.13
CA LEU B 151 -5.00 -12.93 1.28
C LEU B 151 -4.93 -11.80 0.26
N GLY B 152 -3.83 -11.06 0.26
CA GLY B 152 -3.61 -10.01 -0.71
C GLY B 152 -4.02 -8.63 -0.22
N ASP B 153 -3.38 -7.60 -0.78
CA ASP B 153 -3.64 -6.22 -0.37
C ASP B 153 -5.11 -5.81 -0.50
N LYS B 154 -5.86 -6.46 -1.39
CA LYS B 154 -7.22 -6.01 -1.66
C LYS B 154 -8.30 -6.90 -1.12
N CYS B 155 -7.94 -7.75 -0.17
CA CYS B 155 -8.87 -8.73 0.37
C CYS B 155 -10.07 -8.11 1.09
N LEU B 156 -9.99 -6.84 1.49
CA LEU B 156 -11.16 -6.19 2.09
C LEU B 156 -12.19 -5.68 1.08
N ASP B 157 -11.81 -5.57 -0.18
CA ASP B 157 -12.72 -5.10 -1.21
C ASP B 157 -13.87 -6.09 -1.42
N GLY B 158 -15.09 -5.62 -1.16
CA GLY B 158 -16.27 -6.45 -1.28
C GLY B 158 -16.26 -7.65 -0.33
N VAL B 159 -15.47 -7.59 0.73
CA VAL B 159 -15.33 -8.74 1.62
C VAL B 159 -16.66 -9.11 2.28
N LEU B 160 -17.53 -8.12 2.51
CA LEU B 160 -18.83 -8.39 3.09
C LEU B 160 -19.84 -8.68 1.98
N ASN B 161 -19.97 -9.96 1.62
CA ASN B 161 -20.97 -10.38 0.64
C ASN B 161 -20.93 -9.63 -0.70
N ASN B 162 -19.73 -9.25 -1.12
CA ASN B 162 -19.54 -8.56 -2.40
C ASN B 162 -20.31 -7.23 -2.45
N ASN B 163 -20.52 -6.67 -1.27
CA ASN B 163 -21.27 -5.44 -1.09
C ASN B 163 -20.28 -4.32 -0.79
N SER B 164 -20.03 -3.45 -1.77
CA SER B 164 -19.00 -2.44 -1.65
C SER B 164 -19.33 -1.38 -0.61
N TYR B 165 -20.61 -1.09 -0.48
CA TYR B 165 -21.06 -0.10 0.48
C TYR B 165 -20.77 -0.57 1.91
N GLU B 166 -21.14 -1.81 2.25
CA GLU B 166 -20.88 -2.31 3.61
C GLU B 166 -19.39 -2.50 3.84
N SER B 167 -18.70 -3.00 2.81
CA SER B 167 -17.26 -3.27 2.92
C SER B 167 -16.48 -1.98 3.10
N ASP B 168 -16.91 -0.92 2.42
CA ASP B 168 -16.25 0.38 2.57
C ASP B 168 -16.38 0.94 3.98
N ILE B 169 -17.54 0.72 4.59
CA ILE B 169 -17.72 1.08 5.99
C ILE B 169 -16.72 0.34 6.88
N LEU B 170 -16.63 -0.96 6.70
CA LEU B 170 -15.70 -1.77 7.49
C LEU B 170 -14.27 -1.32 7.30
N LYS B 171 -13.88 -1.02 6.06
CA LYS B 171 -12.53 -0.55 5.78
C LYS B 171 -12.23 0.75 6.53
N ASN B 172 -13.20 1.64 6.55
CA ASN B 172 -13.03 2.87 7.31
C ASN B 172 -12.91 2.60 8.80
N TYR B 173 -13.70 1.66 9.31
CA TYR B 173 -13.66 1.35 10.74
C TYR B 173 -12.29 0.82 11.16
N LEU B 174 -11.77 -0.16 10.42
CA LEU B 174 -10.43 -0.69 10.70
C LEU B 174 -9.35 0.40 10.62
N ALA B 175 -9.38 1.19 9.54
CA ALA B 175 -8.38 2.24 9.34
C ALA B 175 -8.42 3.26 10.48
N THR B 176 -9.62 3.65 10.88
CA THR B 176 -9.77 4.61 11.96
C THR B 176 -9.23 4.04 13.27
N ARG B 177 -9.42 2.74 13.46
CA ARG B 177 -8.90 2.06 14.65
C ARG B 177 -7.40 1.73 14.57
N GLY B 178 -6.78 2.03 13.43
CA GLY B 178 -5.38 1.66 13.22
C GLY B 178 -5.11 0.18 13.05
N LEU B 179 -6.10 -0.56 12.53
CA LEU B 179 -5.95 -2.01 12.36
C LEU B 179 -5.78 -2.40 10.90
N THR B 180 -5.11 -3.54 10.68
CA THR B 180 -5.02 -4.10 9.35
C THR B 180 -6.01 -5.26 9.20
N TRP B 181 -6.22 -5.73 7.97
CA TRP B 181 -7.08 -6.91 7.80
C TRP B 181 -6.53 -8.09 8.61
N LYS B 182 -5.22 -8.15 8.82
CA LYS B 182 -4.65 -9.26 9.61
C LYS B 182 -4.99 -9.16 11.10
N ASN B 183 -4.98 -7.95 11.65
CA ASN B 183 -5.45 -7.76 13.03
C ASN B 183 -6.90 -8.22 13.16
N MET B 184 -7.72 -7.92 12.15
CA MET B 184 -9.13 -8.31 12.21
C MET B 184 -9.23 -9.84 12.22
N LEU B 185 -8.48 -10.49 11.32
CA LEU B 185 -8.51 -11.94 11.24
C LEU B 185 -8.06 -12.57 12.56
N THR B 186 -6.96 -12.05 13.09
CA THR B 186 -6.47 -12.52 14.39
C THR B 186 -7.52 -12.44 15.47
N GLU B 187 -8.13 -11.27 15.64
CA GLU B 187 -9.17 -11.13 16.64
C GLU B 187 -10.37 -12.04 16.36
N SER B 188 -10.68 -12.24 15.08
CA SER B 188 -11.80 -13.12 14.74
C SER B 188 -11.44 -14.58 15.06
N LEU B 189 -10.18 -14.94 14.89
CA LEU B 189 -9.74 -16.32 15.20
C LEU B 189 -9.70 -16.60 16.71
N VAL B 190 -9.42 -15.55 17.50
CA VAL B 190 -9.57 -15.65 18.94
C VAL B 190 -11.03 -15.96 19.32
N ALA B 191 -11.97 -15.24 18.70
CA ALA B 191 -13.39 -15.45 18.96
C ALA B 191 -13.82 -16.83 18.49
N LEU B 192 -13.27 -17.26 17.38
CA LEU B 192 -13.57 -18.60 16.85
C LEU B 192 -13.13 -19.65 17.88
N GLN B 193 -11.90 -19.51 18.36
CA GLN B 193 -11.36 -20.44 19.36
C GLN B 193 -12.20 -20.48 20.64
N ARG B 194 -12.74 -19.32 21.03
CA ARG B 194 -13.60 -19.22 22.21
C ARG B 194 -15.05 -19.65 21.98
N GLY B 195 -15.37 -20.03 20.75
CA GLY B 195 -16.72 -20.42 20.38
C GLY B 195 -17.70 -19.26 20.15
N VAL B 196 -17.18 -18.04 20.20
CA VAL B 196 -18.04 -16.85 19.99
C VAL B 196 -18.43 -16.69 18.52
N PHE B 197 -17.48 -16.95 17.62
CA PHE B 197 -17.74 -16.98 16.18
C PHE B 197 -17.78 -18.43 15.71
N LEU B 198 -18.45 -18.69 14.59
CA LEU B 198 -18.57 -20.04 14.04
C LEU B 198 -18.17 -20.00 12.58
N LEU B 199 -17.70 -21.13 12.06
CA LEU B 199 -17.45 -21.28 10.63
C LEU B 199 -18.40 -22.33 10.07
N SER B 200 -18.68 -22.27 8.78
CA SER B 200 -19.56 -23.27 8.17
C SER B 200 -18.87 -24.64 8.13
N ASP B 201 -17.54 -24.66 8.18
CA ASP B 201 -16.76 -25.92 8.30
C ASP B 201 -16.23 -26.03 9.73
N TYR B 202 -16.84 -26.89 10.55
CA TYR B 202 -16.49 -26.89 11.97
C TYR B 202 -15.08 -27.36 12.25
N ARG B 203 -14.40 -27.92 11.25
CA ARG B 203 -13.10 -28.53 11.50
C ARG B 203 -12.00 -27.45 11.55
N VAL B 204 -12.28 -26.29 10.97
CA VAL B 204 -11.25 -25.26 10.77
C VAL B 204 -10.93 -24.45 12.02
N THR B 205 -9.64 -24.25 12.29
CA THR B 205 -9.21 -23.34 13.37
C THR B 205 -8.17 -22.37 12.84
N GLY B 206 -7.70 -21.47 13.70
CA GLY B 206 -6.65 -20.54 13.32
C GLY B 206 -5.33 -21.24 12.98
N ASP B 207 -5.20 -22.50 13.38
CA ASP B 207 -3.97 -23.28 13.10
C ASP B 207 -4.07 -24.10 11.81
N THR B 208 -5.28 -24.27 11.28
CA THR B 208 -5.47 -25.16 10.13
C THR B 208 -4.65 -24.70 8.93
N VAL B 209 -3.94 -25.62 8.28
CA VAL B 209 -3.16 -25.29 7.10
C VAL B 209 -4.09 -25.24 5.89
N LEU B 210 -4.18 -24.07 5.27
CA LEU B 210 -5.17 -23.81 4.23
C LEU B 210 -4.53 -23.19 3.01
N CYS B 211 -5.14 -23.42 1.85
CA CYS B 211 -4.77 -22.72 0.63
C CYS B 211 -5.49 -21.36 0.61
N TYR B 212 -5.10 -20.52 -0.35
CA TYR B 212 -5.74 -19.22 -0.55
C TYR B 212 -7.26 -19.31 -0.68
N CYS B 213 -7.74 -20.15 -1.58
CA CYS B 213 -9.19 -20.23 -1.81
C CYS B 213 -9.99 -20.66 -0.59
N CYS B 214 -9.52 -21.70 0.09
CA CYS B 214 -10.15 -22.17 1.31
C CYS B 214 -10.07 -21.16 2.46
N GLY B 215 -8.92 -20.52 2.63
CA GLY B 215 -8.77 -19.50 3.66
C GLY B 215 -9.64 -18.27 3.39
N LEU B 216 -9.73 -17.88 2.14
CA LEU B 216 -10.56 -16.72 1.77
C LEU B 216 -12.01 -16.97 2.15
N ARG B 217 -12.48 -18.19 1.91
CA ARG B 217 -13.86 -18.56 2.17
C ARG B 217 -14.21 -18.41 3.65
N SER B 218 -13.34 -18.92 4.53
CA SER B 218 -13.54 -18.78 5.97
C SER B 218 -13.31 -17.35 6.48
N PHE B 219 -12.35 -16.67 5.87
CA PHE B 219 -12.08 -15.25 6.19
C PHE B 219 -13.33 -14.40 5.98
N ARG B 220 -14.00 -14.59 4.84
CA ARG B 220 -15.27 -13.88 4.62
C ARG B 220 -16.34 -14.17 5.69
N GLU B 221 -16.48 -15.44 6.10
CA GLU B 221 -17.40 -15.78 7.19
C GLU B 221 -17.04 -15.12 8.51
N LEU B 222 -15.76 -15.13 8.87
CA LEU B 222 -15.31 -14.47 10.10
C LEU B 222 -15.51 -12.96 10.04
N THR B 223 -15.24 -12.39 8.89
CA THR B 223 -15.31 -10.95 8.73
C THR B 223 -16.74 -10.43 8.91
N TYR B 224 -17.71 -11.17 8.39
CA TYR B 224 -19.10 -10.78 8.56
C TYR B 224 -19.39 -10.70 10.05
N GLN B 225 -18.95 -11.70 10.80
CA GLN B 225 -19.23 -11.77 12.25
C GLN B 225 -18.48 -10.67 13.00
N TYR B 226 -17.27 -10.37 12.56
CA TYR B 226 -16.54 -9.23 13.11
C TYR B 226 -17.36 -7.94 12.92
N ARG B 227 -17.87 -7.73 11.71
CA ARG B 227 -18.71 -6.56 11.42
C ARG B 227 -19.96 -6.49 12.30
N GLN B 228 -20.70 -7.61 12.38
CA GLN B 228 -21.88 -7.68 13.25
C GLN B 228 -21.59 -7.21 14.65
N ASN B 229 -20.40 -7.49 15.17
CA ASN B 229 -20.09 -7.14 16.55
C ASN B 229 -19.51 -5.74 16.77
N ILE B 230 -19.50 -4.90 15.74
CA ILE B 230 -19.09 -3.52 15.94
C ILE B 230 -20.20 -2.75 16.67
N PRO B 231 -19.88 -2.11 17.79
CA PRO B 231 -20.89 -1.32 18.51
C PRO B 231 -21.46 -0.21 17.62
N ALA B 232 -22.78 -0.05 17.63
CA ALA B 232 -23.42 1.04 16.88
C ALA B 232 -22.83 2.41 17.20
N SER B 233 -22.42 2.62 18.44
CA SER B 233 -21.90 3.94 18.85
C SER B 233 -20.60 4.28 18.13
N GLU B 234 -19.97 3.29 17.50
CA GLU B 234 -18.71 3.54 16.79
C GLU B 234 -18.89 3.68 15.29
N LEU B 235 -20.14 3.69 14.85
CA LEU B 235 -20.48 3.82 13.43
C LEU B 235 -21.35 5.06 13.23
N PRO B 236 -21.37 5.61 12.01
CA PRO B 236 -22.24 6.76 11.71
C PRO B 236 -23.69 6.39 11.99
N VAL B 237 -24.46 7.32 12.55
CA VAL B 237 -25.87 7.10 12.81
C VAL B 237 -26.62 6.73 11.52
N ALA B 238 -26.29 7.43 10.44
CA ALA B 238 -26.92 7.19 9.14
C ALA B 238 -26.73 5.75 8.67
N VAL B 239 -25.63 5.13 9.05
CA VAL B 239 -25.41 3.73 8.70
C VAL B 239 -26.40 2.85 9.47
N THR B 240 -26.52 3.10 10.77
CA THR B 240 -27.32 2.22 11.60
C THR B 240 -28.82 2.52 11.50
N SER B 241 -29.14 3.71 10.98
CA SER B 241 -30.51 4.17 10.80
C SER B 241 -31.23 3.56 9.59
N ARG B 242 -30.47 3.01 8.66
CA ARG B 242 -31.05 2.47 7.42
C ARG B 242 -31.95 1.26 7.71
N PRO B 243 -33.09 1.15 7.00
CA PRO B 243 -33.95 -0.01 7.22
C PRO B 243 -33.28 -1.28 6.72
N ASP B 244 -33.65 -2.40 7.33
CA ASP B 244 -33.09 -3.67 6.95
C ASP B 244 -33.67 -4.14 5.63
N CYS B 245 -32.85 -4.68 4.74
CA CYS B 245 -33.39 -5.34 3.58
C CYS B 245 -33.95 -6.68 4.03
N TYR B 246 -35.15 -7.04 3.59
CA TYR B 246 -35.68 -8.30 4.08
C TYR B 246 -35.02 -9.56 3.52
N TRP B 247 -34.23 -9.43 2.45
CA TRP B 247 -33.40 -10.56 2.00
C TRP B 247 -32.15 -10.64 2.86
N GLY B 248 -31.86 -9.56 3.58
CA GLY B 248 -30.74 -9.49 4.50
C GLY B 248 -29.41 -9.87 3.90
N ARG B 249 -28.57 -10.55 4.66
CA ARG B 249 -27.24 -10.94 4.20
C ARG B 249 -27.24 -11.76 2.91
N ASN B 250 -28.39 -12.35 2.57
CA ASN B 250 -28.50 -13.22 1.41
C ASN B 250 -28.96 -12.50 0.15
N CYS B 251 -29.22 -11.20 0.26
CA CYS B 251 -29.68 -10.40 -0.86
C CYS B 251 -28.71 -10.47 -2.03
N ARG B 252 -29.24 -10.69 -3.23
CA ARG B 252 -28.43 -10.76 -4.43
CA ARG B 252 -28.41 -10.76 -4.42
C ARG B 252 -28.32 -9.38 -5.09
N THR B 253 -29.18 -8.45 -4.66
CA THR B 253 -29.19 -7.12 -5.24
C THR B 253 -28.23 -6.20 -4.50
N GLN B 254 -27.65 -6.65 -3.40
CA GLN B 254 -26.76 -5.78 -2.63
C GLN B 254 -25.43 -5.53 -3.37
N VAL B 255 -25.22 -6.25 -4.47
CA VAL B 255 -24.06 -5.99 -5.30
C VAL B 255 -24.26 -4.71 -6.12
N LYS B 256 -25.49 -4.18 -6.12
CA LYS B 256 -25.81 -2.93 -6.80
C LYS B 256 -25.75 -1.76 -5.82
N ALA B 257 -24.90 -0.79 -6.11
CA ALA B 257 -24.56 0.29 -5.18
C ALA B 257 -25.75 1.04 -4.58
N HIS B 258 -26.71 1.38 -5.42
CA HIS B 258 -27.82 2.19 -4.96
C HIS B 258 -28.65 1.42 -3.93
N HIS B 259 -28.86 0.14 -4.18
CA HIS B 259 -29.65 -0.66 -3.28
C HIS B 259 -28.92 -0.90 -1.96
N ALA B 260 -27.60 -1.08 -2.06
CA ALA B 260 -26.76 -1.34 -0.89
C ALA B 260 -26.71 -0.14 0.02
N MET B 261 -26.74 1.05 -0.59
CA MET B 261 -26.72 2.29 0.17
C MET B 261 -28.03 2.50 0.91
N LYS B 262 -29.15 2.13 0.29
CA LYS B 262 -30.47 2.40 0.85
C LYS B 262 -30.87 1.48 2.01
N PHE B 263 -30.37 0.24 1.99
CA PHE B 263 -30.77 -0.75 3.00
C PHE B 263 -29.56 -1.34 3.70
N ASN B 264 -29.72 -1.58 4.98
CA ASN B 264 -28.75 -2.37 5.71
C ASN B 264 -28.83 -3.82 5.26
N HIS B 265 -27.66 -4.43 4.99
CA HIS B 265 -27.57 -5.87 4.70
C HIS B 265 -26.74 -6.65 5.72
N ILE B 266 -26.38 -5.99 6.82
CA ILE B 266 -25.82 -6.73 7.95
C ILE B 266 -27.01 -7.12 8.83
N CYS B 267 -27.76 -8.14 8.39
CA CYS B 267 -28.93 -8.61 9.10
C CYS B 267 -29.35 -9.95 8.53
N GLU B 268 -30.25 -10.63 9.22
CA GLU B 268 -30.71 -11.94 8.78
C GLU B 268 -31.79 -11.80 7.70
N GLN B 269 -31.95 -12.82 6.86
CA GLN B 269 -33.06 -12.83 5.90
C GLN B 269 -34.36 -12.98 6.69
N THR B 270 -35.35 -12.12 6.47
CA THR B 270 -36.59 -12.24 7.23
C THR B 270 -37.82 -12.54 6.35
N ARG B 271 -37.64 -12.45 5.03
CA ARG B 271 -38.68 -12.81 4.08
C ARG B 271 -38.17 -13.83 3.06
N PHE B 272 -39.07 -14.70 2.61
CA PHE B 272 -38.73 -15.76 1.67
C PHE B 272 -39.63 -15.73 0.46
N LYS B 273 -40.49 -14.72 0.41
CA LYS B 273 -41.42 -14.46 -0.68
C LYS B 273 -40.79 -14.76 -2.02
ZN ZN C . 33.61 11.14 -10.28
ZN ZN D . 20.17 14.03 -10.17
ZN ZN E . 16.35 15.48 -10.23
ZN ZN F . 13.60 14.31 1.15
ZN ZN G . -15.97 9.68 3.38
ZN ZN H . 12.93 -34.72 -6.51
ZN ZN I . 4.42 -23.92 -5.76
ZN ZN J . 2.22 -20.64 -4.90
ZN ZN K . -7.93 -25.63 0.06
ZN ZN L . -31.25 -6.18 -0.39
#